data_4QMZ
#
_entry.id   4QMZ
#
_cell.length_a   47.794
_cell.length_b   55.303
_cell.length_c   60.660
_cell.angle_alpha   90.00
_cell.angle_beta   111.50
_cell.angle_gamma   90.00
#
_symmetry.space_group_name_H-M   'P 1 21 1'
#
loop_
_entity.id
_entity.type
_entity.pdbx_description
1 polymer 'SERINE/THREONINE-PROTEIN KINASE 24'
2 non-polymer 'N-[2-(diethylamino)ethyl]-5-[(Z)-(5-fluoro-2-oxo-1,2-dihydro-3H-indol-3-ylidene)methyl]-2,4-dimethyl-1H-pyrrole-3-carbo xamide'
3 non-polymer 'CHLORIDE ION'
4 water water
#
_entity_poly.entity_id   1
_entity_poly.type   'polypeptide(L)'
_entity_poly.pdbx_seq_one_letter_code
;GPLGSEFMAHSPVQSGLPGMQNLKADPEELFTKLEKIGKGSFGEVFKGIDNRTQKVVAIKIIDLEEAEDEIEDIQQEITV
LSQCDSPYVTKYYGSYLKDTKLWIIMEYLGGGSALDLLEPGPLDETQIATILREILKGLDYLHSEKKIHRDIKAANVLLS
EHGEVKLADFGVAGQLTDTQIKRN(TPO)FVGTPFWMAPEVIKQSAYDSKADIWSLGITAIELARGEPPHSELHPMKVLF
LIPKNNPPTLEGNYSKPLKEFVEACLNKEPSFRPTAKELLKHKFILRNAKKTSYLTELIDRYKRWKAEQSHDDS
;
_entity_poly.pdbx_strand_id   A
#
# COMPACT_ATOMS: atom_id res chain seq x y z
N MET A 20 6.32 -2.30 -21.90
CA MET A 20 7.58 -3.02 -21.93
C MET A 20 8.59 -2.36 -22.85
N GLN A 21 8.20 -1.23 -23.44
CA GLN A 21 9.05 -0.62 -24.46
C GLN A 21 10.29 0.03 -23.86
N ASN A 22 10.29 0.25 -22.54
CA ASN A 22 11.50 0.77 -21.90
C ASN A 22 12.24 -0.32 -21.10
N LEU A 23 11.93 -1.59 -21.40
CA LEU A 23 12.62 -2.72 -20.79
C LEU A 23 14.13 -2.61 -21.03
N LYS A 24 14.93 -2.93 -20.03
CA LYS A 24 16.37 -2.80 -20.16
C LYS A 24 17.03 -4.16 -20.03
N ALA A 25 18.35 -4.23 -20.23
CA ALA A 25 19.05 -5.50 -20.16
C ALA A 25 20.34 -5.39 -19.34
N ASP A 26 20.92 -6.54 -19.02
CA ASP A 26 22.18 -6.61 -18.26
C ASP A 26 22.14 -5.79 -16.97
N PRO A 27 21.25 -6.15 -16.04
CA PRO A 27 21.12 -5.31 -14.83
C PRO A 27 22.39 -5.32 -13.97
N GLU A 28 23.14 -6.42 -13.98
CA GLU A 28 24.25 -6.55 -13.04
C GLU A 28 25.43 -5.65 -13.38
N GLU A 29 25.36 -4.92 -14.51
CA GLU A 29 26.39 -3.95 -14.82
C GLU A 29 26.04 -2.59 -14.21
N LEU A 30 24.84 -2.46 -13.69
CA LEU A 30 24.43 -1.21 -13.08
C LEU A 30 24.06 -1.43 -11.61
N PHE A 31 23.75 -2.67 -11.27
CA PHE A 31 23.32 -2.99 -9.91
C PHE A 31 23.97 -4.25 -9.37
N THR A 32 24.19 -4.24 -8.04
CA THR A 32 24.66 -5.41 -7.34
C THR A 32 23.51 -6.04 -6.58
N LYS A 33 23.28 -7.32 -6.77
CA LYS A 33 22.23 -8.02 -6.03
C LYS A 33 22.78 -8.58 -4.71
N LEU A 34 22.15 -8.18 -3.61
CA LEU A 34 22.59 -8.65 -2.31
C LEU A 34 21.61 -9.69 -1.79
N GLU A 35 21.33 -9.66 -0.49
CA GLU A 35 20.58 -10.74 0.14
C GLU A 35 19.07 -10.60 -0.03
N LYS A 36 18.38 -11.73 0.07
CA LYS A 36 16.93 -11.76 0.09
C LYS A 36 16.40 -11.11 1.36
N ILE A 37 15.39 -10.25 1.23
CA ILE A 37 14.85 -9.56 2.39
C ILE A 37 13.35 -9.79 2.56
N GLY A 38 12.71 -10.37 1.55
CA GLY A 38 11.32 -10.70 1.72
C GLY A 38 10.59 -11.23 0.51
N LYS A 39 9.26 -11.27 0.66
CA LYS A 39 8.34 -11.52 -0.43
C LYS A 39 7.61 -10.21 -0.72
N GLY A 40 7.19 -10.00 -1.96
CA GLY A 40 7.41 -10.94 -3.03
C GLY A 40 6.13 -11.18 -3.80
N SER A 41 5.38 -10.11 -4.01
CA SER A 41 4.27 -10.17 -4.93
C SER A 41 4.85 -10.49 -6.32
N PHE A 42 4.69 -11.75 -6.73
CA PHE A 42 5.18 -12.33 -8.00
C PHE A 42 6.61 -12.86 -7.93
N GLY A 43 7.26 -12.72 -6.77
CA GLY A 43 8.61 -13.23 -6.67
C GLY A 43 9.25 -13.08 -5.31
N GLU A 44 10.50 -12.67 -5.31
CA GLU A 44 11.22 -12.42 -4.09
C GLU A 44 11.88 -11.06 -4.18
N VAL A 45 12.05 -10.41 -3.04
CA VAL A 45 12.68 -9.10 -2.97
C VAL A 45 14.09 -9.23 -2.39
N PHE A 46 15.05 -8.61 -3.05
CA PHE A 46 16.44 -8.64 -2.59
C PHE A 46 16.90 -7.22 -2.30
N LYS A 47 17.77 -7.07 -1.33
CA LYS A 47 18.47 -5.81 -1.19
C LYS A 47 19.44 -5.70 -2.38
N GLY A 48 19.72 -4.48 -2.82
CA GLY A 48 20.69 -4.30 -3.88
C GLY A 48 21.45 -2.99 -3.74
N ILE A 49 22.45 -2.78 -4.58
CA ILE A 49 23.18 -1.52 -4.62
C ILE A 49 23.16 -0.92 -6.02
N ASP A 50 22.86 0.37 -6.12
CA ASP A 50 23.05 1.09 -7.37
C ASP A 50 24.53 1.40 -7.48
N ASN A 51 25.21 0.77 -8.44
CA ASN A 51 26.67 0.89 -8.52
C ASN A 51 27.15 2.28 -8.96
N ARG A 52 26.23 3.11 -9.44
CA ARG A 52 26.59 4.47 -9.86
C ARG A 52 26.52 5.47 -8.69
N THR A 53 25.63 5.23 -7.73
CA THR A 53 25.46 6.15 -6.60
C THR A 53 25.86 5.55 -5.26
N GLN A 54 25.97 4.23 -5.22
CA GLN A 54 26.11 3.45 -4.00
C GLN A 54 24.90 3.56 -3.07
N LYS A 55 23.77 4.01 -3.59
CA LYS A 55 22.53 3.97 -2.81
C LYS A 55 21.97 2.55 -2.82
N VAL A 56 21.31 2.18 -1.73
CA VAL A 56 20.68 0.87 -1.67
C VAL A 56 19.36 0.89 -2.43
N VAL A 57 19.03 -0.21 -3.07
CA VAL A 57 17.78 -0.35 -3.82
C VAL A 57 17.11 -1.66 -3.41
N ALA A 58 15.85 -1.80 -3.76
CA ALA A 58 15.17 -3.07 -3.60
C ALA A 58 14.96 -3.68 -4.97
N ILE A 59 15.26 -4.97 -5.09
CA ILE A 59 15.13 -5.65 -6.36
C ILE A 59 14.14 -6.80 -6.25
N LYS A 60 13.02 -6.67 -6.94
CA LYS A 60 12.05 -7.76 -6.96
C LYS A 60 12.33 -8.62 -8.19
N ILE A 61 12.57 -9.91 -7.97
CA ILE A 61 12.96 -10.81 -9.04
C ILE A 61 11.86 -11.81 -9.35
N ILE A 62 11.50 -11.87 -10.62
CA ILE A 62 10.40 -12.69 -11.06
C ILE A 62 10.90 -13.76 -12.02
N ASP A 63 10.62 -15.01 -11.67
CA ASP A 63 10.92 -16.13 -12.55
C ASP A 63 9.85 -16.19 -13.64
N LEU A 64 10.22 -15.81 -14.86
CA LEU A 64 9.25 -15.69 -15.94
C LEU A 64 8.75 -17.05 -16.45
N GLU A 65 9.54 -18.11 -16.31
CA GLU A 65 9.13 -19.40 -16.85
C GLU A 65 8.16 -20.14 -15.95
N GLU A 66 7.98 -19.66 -14.72
CA GLU A 66 6.92 -20.21 -13.87
C GLU A 66 5.83 -19.18 -13.63
N ALA A 67 6.02 -17.98 -14.18
CA ALA A 67 5.11 -16.86 -13.96
C ALA A 67 3.68 -17.17 -14.38
N GLU A 68 3.54 -17.78 -15.55
CA GLU A 68 2.26 -18.30 -16.03
C GLU A 68 1.06 -17.36 -15.88
N ASP A 69 0.25 -17.62 -14.87
CA ASP A 69 -1.02 -16.89 -14.72
C ASP A 69 -0.81 -15.41 -14.40
N GLU A 70 0.18 -15.12 -13.58
CA GLU A 70 0.35 -13.76 -13.07
C GLU A 70 1.09 -12.84 -14.05
N ILE A 71 1.31 -13.33 -15.27
CA ILE A 71 2.09 -12.57 -16.25
C ILE A 71 1.50 -11.20 -16.58
N GLU A 72 0.18 -11.12 -16.72
CA GLU A 72 -0.38 -9.82 -17.09
C GLU A 72 -0.49 -8.89 -15.87
N ASP A 73 -0.45 -9.46 -14.66
CA ASP A 73 -0.40 -8.63 -13.46
C ASP A 73 1.00 -8.04 -13.28
N ILE A 74 2.01 -8.85 -13.60
CA ILE A 74 3.40 -8.41 -13.63
C ILE A 74 3.57 -7.28 -14.64
N GLN A 75 3.00 -7.45 -15.82
CA GLN A 75 3.02 -6.41 -16.84
C GLN A 75 2.34 -5.14 -16.35
N GLN A 76 1.24 -5.29 -15.63
CA GLN A 76 0.47 -4.15 -15.17
C GLN A 76 1.28 -3.37 -14.15
N GLU A 77 1.92 -4.10 -13.24
CA GLU A 77 2.69 -3.47 -12.18
C GLU A 77 3.80 -2.58 -12.73
N ILE A 78 4.57 -3.13 -13.67
CA ILE A 78 5.64 -2.39 -14.34
C ILE A 78 5.08 -1.16 -15.05
N THR A 79 3.97 -1.35 -15.77
CA THR A 79 3.37 -0.24 -16.48
C THR A 79 2.99 0.88 -15.51
N VAL A 80 2.29 0.54 -14.43
CA VAL A 80 1.85 1.53 -13.46
C VAL A 80 3.04 2.24 -12.81
N LEU A 81 3.99 1.44 -12.34
CA LEU A 81 5.19 1.98 -11.69
C LEU A 81 5.92 2.97 -12.58
N SER A 82 6.07 2.59 -13.85
CA SER A 82 6.80 3.40 -14.83
C SER A 82 6.09 4.72 -15.07
N GLN A 83 4.78 4.75 -14.81
CA GLN A 83 4.01 5.95 -15.05
C GLN A 83 3.86 6.85 -13.84
N CYS A 84 4.31 6.37 -12.67
CA CYS A 84 4.21 7.18 -11.45
C CYS A 84 5.48 7.93 -11.15
N ASP A 85 5.33 9.18 -10.74
CA ASP A 85 6.46 10.00 -10.29
C ASP A 85 6.02 10.83 -9.10
N SER A 86 6.08 10.21 -7.93
CA SER A 86 5.58 10.81 -6.69
C SER A 86 6.44 10.40 -5.50
N PRO A 87 6.70 11.34 -4.58
CA PRO A 87 7.37 10.98 -3.33
C PRO A 87 6.57 10.01 -2.49
N TYR A 88 5.29 9.79 -2.84
CA TYR A 88 4.38 8.99 -2.03
C TYR A 88 4.11 7.63 -2.67
N VAL A 89 4.84 7.34 -3.74
CA VAL A 89 4.77 6.05 -4.41
C VAL A 89 6.20 5.54 -4.59
N THR A 90 6.43 4.26 -4.29
CA THR A 90 7.78 3.68 -4.43
C THR A 90 8.41 4.03 -5.76
N LYS A 91 9.55 4.71 -5.70
CA LYS A 91 10.25 5.18 -6.90
C LYS A 91 10.69 3.97 -7.73
N TYR A 92 10.63 4.14 -9.03
CA TYR A 92 10.89 3.05 -9.97
C TYR A 92 12.15 3.31 -10.76
N TYR A 93 13.10 2.40 -10.68
CA TYR A 93 14.37 2.55 -11.37
C TYR A 93 14.27 2.00 -12.78
N GLY A 94 13.57 0.88 -12.93
CA GLY A 94 13.48 0.25 -14.22
C GLY A 94 13.27 -1.23 -14.09
N SER A 95 12.95 -1.87 -15.21
CA SER A 95 12.82 -3.31 -15.26
C SER A 95 13.85 -3.83 -16.24
N TYR A 96 14.49 -4.93 -15.86
CA TYR A 96 15.63 -5.46 -16.59
C TYR A 96 15.39 -6.94 -16.88
N LEU A 97 15.70 -7.34 -18.11
CA LEU A 97 15.57 -8.73 -18.49
C LEU A 97 16.93 -9.42 -18.37
N LYS A 98 16.96 -10.55 -17.68
CA LYS A 98 18.17 -11.35 -17.56
C LYS A 98 17.78 -12.83 -17.59
N ASP A 99 18.00 -13.46 -18.75
CA ASP A 99 17.62 -14.85 -18.98
C ASP A 99 16.12 -15.07 -18.74
N THR A 100 15.80 -15.95 -17.81
CA THR A 100 14.41 -16.26 -17.49
C THR A 100 13.87 -15.33 -16.39
N LYS A 101 14.68 -14.36 -16.02
CA LYS A 101 14.37 -13.50 -14.87
C LYS A 101 14.09 -12.06 -15.27
N LEU A 102 13.10 -11.49 -14.61
CA LEU A 102 12.83 -10.06 -14.70
C LEU A 102 13.24 -9.39 -13.40
N TRP A 103 14.04 -8.34 -13.48
CA TRP A 103 14.41 -7.57 -12.29
C TRP A 103 13.61 -6.28 -12.25
N ILE A 104 12.79 -6.08 -11.22
CA ILE A 104 12.10 -4.81 -11.07
C ILE A 104 12.78 -4.06 -9.94
N ILE A 105 13.46 -2.97 -10.29
CA ILE A 105 14.33 -2.30 -9.33
C ILE A 105 13.66 -1.04 -8.82
N MET A 106 13.58 -0.95 -7.50
CA MET A 106 12.77 0.08 -6.90
C MET A 106 13.47 0.67 -5.69
N GLU A 107 12.90 1.77 -5.21
CA GLU A 107 13.31 2.46 -4.01
C GLU A 107 13.45 1.52 -2.81
N TYR A 108 14.60 1.53 -2.15
CA TYR A 108 14.75 0.79 -0.90
C TYR A 108 14.13 1.57 0.25
N LEU A 109 13.36 0.90 1.09
CA LEU A 109 12.70 1.58 2.20
C LEU A 109 12.97 0.78 3.47
N GLY A 110 13.92 1.27 4.26
CA GLY A 110 14.51 0.48 5.33
C GLY A 110 13.73 0.39 6.62
N GLY A 111 12.59 1.08 6.69
CA GLY A 111 11.78 1.04 7.89
C GLY A 111 10.75 -0.08 7.89
N GLY A 112 10.71 -0.86 6.82
CA GLY A 112 9.75 -1.94 6.72
C GLY A 112 8.37 -1.41 6.35
N SER A 113 7.33 -2.17 6.69
CA SER A 113 5.95 -1.73 6.41
C SER A 113 5.23 -1.25 7.66
N ALA A 114 4.12 -0.54 7.48
CA ALA A 114 3.30 -0.12 8.60
C ALA A 114 2.80 -1.34 9.38
N LEU A 115 2.54 -2.43 8.67
CA LEU A 115 2.15 -3.68 9.32
C LEU A 115 3.24 -4.16 10.28
N ASP A 116 4.49 -4.20 9.79
CA ASP A 116 5.63 -4.55 10.63
C ASP A 116 5.65 -3.69 11.88
N LEU A 117 5.43 -2.39 11.69
CA LEU A 117 5.58 -1.43 12.78
C LEU A 117 4.47 -1.57 13.82
N LEU A 118 3.37 -2.22 13.45
CA LEU A 118 2.28 -2.51 14.40
C LEU A 118 2.62 -3.63 15.38
N GLU A 119 3.51 -4.54 14.96
CA GLU A 119 3.77 -5.76 15.73
C GLU A 119 4.12 -5.57 17.21
N PRO A 120 4.95 -4.56 17.55
CA PRO A 120 5.30 -4.41 18.96
C PRO A 120 4.19 -3.91 19.86
N GLY A 121 3.13 -3.34 19.30
CA GLY A 121 2.05 -2.82 20.10
C GLY A 121 1.33 -1.64 19.46
N PRO A 122 0.36 -1.06 20.18
CA PRO A 122 -0.50 0.00 19.65
C PRO A 122 0.26 1.25 19.22
N LEU A 123 -0.23 1.90 18.18
CA LEU A 123 0.23 3.24 17.81
C LEU A 123 -0.52 4.26 18.62
N ASP A 124 -0.03 5.49 18.68
CA ASP A 124 -0.83 6.56 19.28
C ASP A 124 -1.49 7.33 18.15
N GLU A 125 -2.41 8.23 18.46
CA GLU A 125 -3.18 8.87 17.39
C GLU A 125 -2.35 9.85 16.56
N THR A 126 -1.27 10.40 17.12
CA THR A 126 -0.36 11.20 16.29
C THR A 126 0.30 10.33 15.22
N GLN A 127 0.75 9.14 15.59
CA GLN A 127 1.36 8.25 14.61
C GLN A 127 0.35 7.78 13.56
N ILE A 128 -0.87 7.48 14.02
CA ILE A 128 -1.92 7.06 13.10
C ILE A 128 -2.24 8.16 12.08
N ALA A 129 -2.45 9.37 12.55
CA ALA A 129 -2.74 10.51 11.67
C ALA A 129 -1.59 10.80 10.71
N THR A 130 -0.36 10.67 11.19
CA THR A 130 0.81 11.00 10.37
C THR A 130 0.91 10.01 9.21
N ILE A 131 0.72 8.74 9.51
CA ILE A 131 0.77 7.70 8.50
C ILE A 131 -0.42 7.84 7.53
N LEU A 132 -1.62 8.04 8.06
CA LEU A 132 -2.79 8.26 7.19
C LEU A 132 -2.60 9.46 6.25
N ARG A 133 -2.03 10.55 6.76
CA ARG A 133 -1.83 11.74 5.93
C ARG A 133 -0.96 11.42 4.71
N GLU A 134 0.11 10.66 4.91
CA GLU A 134 1.01 10.34 3.82
C GLU A 134 0.37 9.35 2.84
N ILE A 135 -0.39 8.40 3.37
CA ILE A 135 -1.15 7.50 2.50
C ILE A 135 -2.11 8.33 1.64
N LEU A 136 -2.77 9.29 2.28
CA LEU A 136 -3.73 10.15 1.57
C LEU A 136 -3.07 10.96 0.46
N LYS A 137 -1.84 11.43 0.70
CA LYS A 137 -1.11 12.15 -0.36
C LYS A 137 -0.82 11.23 -1.54
N GLY A 138 -0.51 9.98 -1.25
CA GLY A 138 -0.30 8.96 -2.27
C GLY A 138 -1.56 8.63 -3.05
N LEU A 139 -2.67 8.49 -2.34
CA LEU A 139 -3.96 8.27 -2.99
C LEU A 139 -4.36 9.47 -3.85
N ASP A 140 -4.15 10.67 -3.33
CA ASP A 140 -4.49 11.88 -4.07
C ASP A 140 -3.72 11.89 -5.39
N TYR A 141 -2.42 11.57 -5.33
CA TYR A 141 -1.62 11.47 -6.56
C TYR A 141 -2.18 10.42 -7.52
N LEU A 142 -2.31 9.18 -7.05
CA LEU A 142 -2.79 8.10 -7.90
C LEU A 142 -4.15 8.43 -8.50
N HIS A 143 -5.06 8.90 -7.67
CA HIS A 143 -6.43 9.14 -8.16
C HIS A 143 -6.46 10.28 -9.17
N SER A 144 -5.57 11.25 -9.00
CA SER A 144 -5.46 12.34 -9.98
C SER A 144 -4.88 11.85 -11.31
N GLU A 145 -4.14 10.74 -11.25
CA GLU A 145 -3.62 10.10 -12.46
C GLU A 145 -4.57 9.02 -13.02
N LYS A 146 -5.79 9.03 -12.50
CA LYS A 146 -6.82 8.05 -12.83
C LYS A 146 -6.39 6.62 -12.54
N LYS A 147 -5.50 6.46 -11.55
CA LYS A 147 -5.10 5.14 -11.05
C LYS A 147 -5.78 4.81 -9.72
N ILE A 148 -6.09 3.52 -9.55
CA ILE A 148 -6.67 2.99 -8.32
C ILE A 148 -5.74 1.91 -7.82
N HIS A 149 -5.32 2.00 -6.56
CA HIS A 149 -4.37 1.04 -6.02
C HIS A 149 -5.00 -0.36 -5.89
N ARG A 150 -6.19 -0.39 -5.29
CA ARG A 150 -7.02 -1.58 -5.08
C ARG A 150 -6.48 -2.61 -4.09
N ASP A 151 -5.35 -2.34 -3.45
CA ASP A 151 -4.92 -3.23 -2.38
C ASP A 151 -4.32 -2.41 -1.25
N ILE A 152 -5.01 -1.34 -0.86
CA ILE A 152 -4.57 -0.54 0.28
C ILE A 152 -4.75 -1.30 1.61
N LYS A 153 -3.64 -1.49 2.31
CA LYS A 153 -3.62 -2.10 3.63
C LYS A 153 -2.24 -1.79 4.22
N ALA A 154 -2.08 -1.96 5.54
CA ALA A 154 -0.84 -1.52 6.20
C ALA A 154 0.39 -2.23 5.64
N ALA A 155 0.23 -3.46 5.17
CA ALA A 155 1.35 -4.21 4.58
C ALA A 155 1.90 -3.58 3.32
N ASN A 156 1.11 -2.76 2.63
CA ASN A 156 1.55 -2.11 1.39
C ASN A 156 1.86 -0.64 1.59
N VAL A 157 2.04 -0.26 2.86
CA VAL A 157 2.48 1.08 3.21
C VAL A 157 3.89 0.94 3.76
N LEU A 158 4.88 1.44 3.03
CA LEU A 158 6.28 1.21 3.37
C LEU A 158 6.96 2.49 3.83
N LEU A 159 7.91 2.37 4.75
CA LEU A 159 8.57 3.54 5.33
C LEU A 159 10.09 3.49 5.16
N SER A 160 10.70 4.65 4.92
CA SER A 160 12.16 4.77 4.92
C SER A 160 12.65 4.69 6.35
N GLU A 161 13.95 4.52 6.56
CA GLU A 161 14.44 4.43 7.92
C GLU A 161 14.25 5.75 8.69
N HIS A 162 13.98 6.84 7.98
CA HIS A 162 13.74 8.14 8.61
C HIS A 162 12.26 8.55 8.59
N GLY A 163 11.39 7.60 8.28
CA GLY A 163 9.96 7.80 8.46
C GLY A 163 9.16 8.30 7.27
N GLU A 164 9.79 8.48 6.10
CA GLU A 164 9.01 8.86 4.94
C GLU A 164 8.13 7.68 4.54
N VAL A 165 6.93 7.97 4.05
CA VAL A 165 5.90 6.95 3.80
C VAL A 165 5.50 6.87 2.32
N LYS A 166 5.48 5.66 1.76
CA LYS A 166 5.10 5.45 0.35
C LYS A 166 4.20 4.24 0.17
N LEU A 167 3.31 4.33 -0.82
CA LEU A 167 2.52 3.18 -1.24
C LEU A 167 3.33 2.27 -2.14
N ALA A 168 3.12 0.96 -1.97
CA ALA A 168 3.85 -0.07 -2.72
C ALA A 168 2.89 -1.14 -3.27
N ASP A 169 3.42 -1.94 -4.20
CA ASP A 169 2.74 -3.13 -4.74
C ASP A 169 1.55 -2.76 -5.60
N PHE A 170 1.79 -2.65 -6.90
CA PHE A 170 0.78 -2.19 -7.83
C PHE A 170 0.34 -3.31 -8.76
N GLY A 171 0.52 -4.54 -8.29
CA GLY A 171 0.19 -5.71 -9.05
C GLY A 171 -1.28 -5.84 -9.45
N VAL A 172 -2.18 -5.22 -8.68
CA VAL A 172 -3.61 -5.28 -9.05
C VAL A 172 -4.21 -3.89 -9.25
N ALA A 173 -3.33 -2.90 -9.41
CA ALA A 173 -3.77 -1.53 -9.66
C ALA A 173 -4.61 -1.44 -10.95
N GLY A 174 -5.56 -0.52 -10.96
CA GLY A 174 -6.42 -0.33 -12.11
C GLY A 174 -6.17 1.02 -12.74
N GLN A 175 -6.43 1.11 -14.05
CA GLN A 175 -6.25 2.37 -14.75
C GLN A 175 -7.55 2.79 -15.45
N LEU A 176 -8.07 3.96 -15.09
CA LEU A 176 -9.23 4.50 -15.76
C LEU A 176 -8.79 5.30 -16.98
N THR A 177 -9.64 5.31 -18.01
CA THR A 177 -9.35 6.05 -19.23
C THR A 177 -10.60 6.80 -19.66
N ASP A 178 -10.52 7.50 -20.78
CA ASP A 178 -11.69 8.22 -21.28
C ASP A 178 -12.80 7.24 -21.71
N THR A 179 -12.41 6.03 -22.11
CA THR A 179 -13.40 5.05 -22.58
C THR A 179 -13.75 4.00 -21.53
N GLN A 180 -12.94 3.92 -20.47
CA GLN A 180 -13.31 3.10 -19.33
C GLN A 180 -13.23 3.92 -18.05
N ILE A 181 -14.39 4.42 -17.61
CA ILE A 181 -14.46 5.34 -16.49
C ILE A 181 -14.64 4.63 -15.14
N LYS A 182 -14.87 3.32 -15.19
CA LYS A 182 -15.00 2.49 -13.98
C LYS A 182 -14.27 1.17 -14.19
N ARG A 183 -13.93 0.49 -13.10
CA ARG A 183 -13.40 -0.87 -13.19
C ARG A 183 -14.44 -1.82 -12.59
N ASN A 184 -14.29 -3.12 -12.81
CA ASN A 184 -15.15 -4.07 -12.11
C ASN A 184 -14.47 -5.36 -11.68
N PHE A 186 -12.65 -8.18 -9.64
CA PHE A 186 -12.53 -8.70 -8.28
C PHE A 186 -11.07 -8.84 -7.89
N VAL A 187 -10.49 -7.81 -7.26
CA VAL A 187 -9.11 -7.86 -6.80
C VAL A 187 -8.95 -7.15 -5.45
N GLY A 188 -7.84 -7.43 -4.78
CA GLY A 188 -7.60 -6.83 -3.48
C GLY A 188 -7.44 -7.90 -2.41
N THR A 189 -7.61 -7.51 -1.15
CA THR A 189 -7.53 -8.44 -0.03
C THR A 189 -8.86 -8.38 0.73
N PRO A 190 -9.57 -9.52 0.83
CA PRO A 190 -10.97 -9.50 1.28
C PRO A 190 -11.26 -8.61 2.50
N PHE A 191 -10.47 -8.66 3.57
CA PHE A 191 -10.78 -7.85 4.75
C PHE A 191 -10.85 -6.35 4.43
N TRP A 192 -10.06 -5.93 3.45
CA TRP A 192 -9.97 -4.50 3.12
C TRP A 192 -10.81 -4.10 1.91
N MET A 193 -11.43 -5.07 1.23
CA MET A 193 -12.17 -4.78 0.01
C MET A 193 -13.48 -4.02 0.21
N ALA A 194 -13.75 -3.05 -0.66
CA ALA A 194 -15.01 -2.32 -0.66
C ALA A 194 -16.16 -3.23 -1.10
N PRO A 195 -17.38 -2.96 -0.62
CA PRO A 195 -18.50 -3.85 -1.00
C PRO A 195 -18.78 -3.87 -2.50
N GLU A 196 -18.64 -2.73 -3.19
CA GLU A 196 -18.89 -2.71 -4.63
C GLU A 196 -17.85 -3.53 -5.40
N VAL A 197 -16.67 -3.72 -4.81
CA VAL A 197 -15.61 -4.51 -5.44
C VAL A 197 -15.94 -5.99 -5.30
N ILE A 198 -16.35 -6.38 -4.10
CA ILE A 198 -16.78 -7.75 -3.86
C ILE A 198 -17.95 -8.13 -4.79
N LYS A 199 -18.89 -7.20 -4.95
CA LYS A 199 -20.06 -7.43 -5.82
C LYS A 199 -19.69 -7.34 -7.30
N GLN A 200 -18.47 -6.86 -7.55
CA GLN A 200 -17.94 -6.65 -8.90
C GLN A 200 -18.84 -5.69 -9.68
N SER A 201 -19.38 -4.71 -8.96
CA SER A 201 -20.07 -3.59 -9.56
C SER A 201 -19.07 -2.70 -10.26
N ALA A 202 -19.57 -1.73 -11.01
CA ALA A 202 -18.69 -0.74 -11.62
C ALA A 202 -18.20 0.21 -10.52
N TYR A 203 -16.89 0.26 -10.31
CA TYR A 203 -16.35 1.10 -9.23
C TYR A 203 -15.17 1.94 -9.69
N ASP A 204 -14.72 2.84 -8.82
CA ASP A 204 -13.60 3.72 -9.17
C ASP A 204 -12.73 3.97 -7.94
N SER A 205 -12.06 5.12 -7.91
CA SER A 205 -11.12 5.43 -6.82
C SER A 205 -11.77 5.40 -5.44
N LYS A 206 -13.10 5.58 -5.38
CA LYS A 206 -13.76 5.55 -4.08
C LYS A 206 -13.59 4.19 -3.39
N ALA A 207 -13.28 3.14 -4.15
CA ALA A 207 -12.97 1.84 -3.56
C ALA A 207 -11.73 1.92 -2.67
N ASP A 208 -10.73 2.67 -3.11
CA ASP A 208 -9.53 2.90 -2.29
C ASP A 208 -9.86 3.64 -0.98
N ILE A 209 -10.89 4.47 -1.01
CA ILE A 209 -11.23 5.26 0.17
C ILE A 209 -11.86 4.35 1.23
N TRP A 210 -12.66 3.38 0.80
CA TRP A 210 -13.15 2.35 1.72
C TRP A 210 -11.97 1.61 2.32
N SER A 211 -11.05 1.15 1.47
CA SER A 211 -9.91 0.38 1.94
C SER A 211 -9.07 1.19 2.91
N LEU A 212 -9.01 2.50 2.68
CA LEU A 212 -8.31 3.42 3.57
C LEU A 212 -8.97 3.45 4.95
N GLY A 213 -10.29 3.44 4.97
CA GLY A 213 -11.02 3.39 6.23
C GLY A 213 -10.73 2.13 7.01
N ILE A 214 -10.68 0.99 6.32
CA ILE A 214 -10.35 -0.26 6.98
C ILE A 214 -8.90 -0.19 7.50
N THR A 215 -8.04 0.43 6.69
CA THR A 215 -6.64 0.58 7.06
C THR A 215 -6.50 1.48 8.31
N ALA A 216 -7.35 2.49 8.43
CA ALA A 216 -7.37 3.32 9.63
C ALA A 216 -7.73 2.50 10.87
N ILE A 217 -8.72 1.63 10.75
CA ILE A 217 -9.05 0.75 11.87
C ILE A 217 -7.87 -0.17 12.17
N GLU A 218 -7.23 -0.69 11.11
CA GLU A 218 -6.07 -1.57 11.26
C GLU A 218 -4.93 -0.88 12.01
N LEU A 219 -4.68 0.38 11.70
CA LEU A 219 -3.64 1.14 12.37
C LEU A 219 -4.00 1.45 13.83
N ALA A 220 -5.31 1.57 14.12
CA ALA A 220 -5.75 1.91 15.48
C ALA A 220 -5.90 0.69 16.39
N ARG A 221 -6.37 -0.41 15.82
CA ARG A 221 -6.68 -1.63 16.57
C ARG A 221 -5.64 -2.72 16.37
N GLY A 222 -4.84 -2.62 15.32
CA GLY A 222 -3.81 -3.61 15.04
C GLY A 222 -4.19 -4.59 13.94
N GLU A 223 -5.49 -4.69 13.66
CA GLU A 223 -6.04 -5.66 12.71
C GLU A 223 -7.34 -5.11 12.13
N PRO A 224 -7.69 -5.49 10.88
CA PRO A 224 -8.94 -5.02 10.30
C PRO A 224 -10.15 -5.72 10.92
N PRO A 225 -11.37 -5.20 10.72
CA PRO A 225 -12.56 -5.94 11.15
C PRO A 225 -12.61 -7.35 10.53
N HIS A 226 -13.16 -8.31 11.29
CA HIS A 226 -13.33 -9.70 10.87
C HIS A 226 -12.03 -10.49 10.71
N SER A 227 -10.94 -9.99 11.27
CA SER A 227 -9.62 -10.55 10.97
C SER A 227 -9.46 -12.02 11.39
N GLU A 228 -10.32 -12.47 12.28
CA GLU A 228 -10.25 -13.84 12.78
C GLU A 228 -11.15 -14.80 12.01
N LEU A 229 -11.91 -14.27 11.05
CA LEU A 229 -12.75 -15.12 10.22
C LEU A 229 -12.01 -15.58 8.96
N HIS A 230 -12.50 -16.67 8.37
CA HIS A 230 -12.03 -17.11 7.08
C HIS A 230 -12.42 -16.05 6.04
N PRO A 231 -11.49 -15.65 5.18
CA PRO A 231 -11.74 -14.60 4.18
C PRO A 231 -12.99 -14.81 3.32
N MET A 232 -13.36 -16.07 3.07
CA MET A 232 -14.52 -16.34 2.22
C MET A 232 -15.79 -15.94 2.94
N LYS A 233 -15.77 -16.01 4.27
CA LYS A 233 -16.90 -15.56 5.08
C LYS A 233 -17.12 -14.05 4.89
N VAL A 234 -16.05 -13.27 4.93
CA VAL A 234 -16.21 -11.82 4.88
C VAL A 234 -16.72 -11.41 3.50
N LEU A 235 -16.56 -12.28 2.50
CA LEU A 235 -17.10 -12.00 1.18
C LEU A 235 -18.61 -11.82 1.21
N PHE A 236 -19.29 -12.49 2.14
CA PHE A 236 -20.70 -12.19 2.27
C PHE A 236 -20.98 -11.21 3.43
N LEU A 237 -20.15 -11.21 4.46
CA LEU A 237 -20.38 -10.31 5.58
C LEU A 237 -20.25 -8.83 5.20
N ILE A 238 -19.28 -8.49 4.37
CA ILE A 238 -19.03 -7.08 4.09
C ILE A 238 -20.21 -6.45 3.33
N PRO A 239 -20.72 -7.10 2.26
CA PRO A 239 -21.91 -6.48 1.66
C PRO A 239 -23.15 -6.55 2.56
N LYS A 240 -23.27 -7.59 3.36
CA LYS A 240 -24.48 -7.82 4.16
C LYS A 240 -24.60 -6.88 5.36
N ASN A 241 -23.50 -6.72 6.07
CA ASN A 241 -23.49 -5.96 7.31
C ASN A 241 -23.46 -4.46 7.10
N ASN A 242 -23.89 -3.73 8.12
CA ASN A 242 -23.59 -2.31 8.20
C ASN A 242 -22.07 -2.13 8.14
N PRO A 243 -21.61 -0.96 7.68
CA PRO A 243 -20.16 -0.76 7.63
C PRO A 243 -19.53 -0.82 9.02
N PRO A 244 -18.27 -1.26 9.10
CA PRO A 244 -17.58 -1.28 10.39
C PRO A 244 -17.49 0.12 10.98
N THR A 245 -17.43 0.19 12.30
CA THR A 245 -17.11 1.43 12.98
C THR A 245 -15.90 1.18 13.88
N LEU A 246 -15.18 2.24 14.21
CA LEU A 246 -14.04 2.10 15.10
C LEU A 246 -14.56 2.13 16.52
N GLU A 247 -14.40 1.02 17.22
CA GLU A 247 -14.88 0.89 18.60
C GLU A 247 -13.72 0.94 19.57
N GLY A 248 -13.95 1.55 20.73
CA GLY A 248 -12.94 1.67 21.75
C GLY A 248 -12.69 3.13 22.09
N ASN A 249 -11.70 3.37 22.92
CA ASN A 249 -11.47 4.71 23.42
C ASN A 249 -10.57 5.47 22.48
N TYR A 250 -11.15 5.99 21.41
CA TYR A 250 -10.42 6.78 20.42
C TYR A 250 -11.06 8.15 20.32
N SER A 251 -10.31 9.15 19.87
CA SER A 251 -10.88 10.49 19.74
C SER A 251 -12.07 10.53 18.78
N LYS A 252 -13.01 11.43 19.04
CA LYS A 252 -14.16 11.56 18.16
C LYS A 252 -13.77 11.84 16.68
N PRO A 253 -12.75 12.70 16.45
CA PRO A 253 -12.37 12.89 15.04
C PRO A 253 -11.84 11.63 14.36
N LEU A 254 -11.06 10.81 15.05
CA LEU A 254 -10.63 9.54 14.45
C LEU A 254 -11.84 8.66 14.10
N LYS A 255 -12.77 8.53 15.04
CA LYS A 255 -13.96 7.74 14.80
C LYS A 255 -14.74 8.27 13.60
N GLU A 256 -14.84 9.59 13.51
CA GLU A 256 -15.58 10.22 12.42
C GLU A 256 -14.83 10.09 11.08
N PHE A 257 -13.51 10.13 11.12
CA PHE A 257 -12.70 9.89 9.94
C PHE A 257 -13.03 8.50 9.37
N VAL A 258 -12.96 7.49 10.22
CA VAL A 258 -13.29 6.13 9.78
C VAL A 258 -14.71 6.05 9.23
N GLU A 259 -15.66 6.65 9.93
CA GLU A 259 -17.07 6.59 9.51
C GLU A 259 -17.27 7.22 8.13
N ALA A 260 -16.54 8.30 7.88
CA ALA A 260 -16.62 9.01 6.61
C ALA A 260 -16.16 8.11 5.47
N CYS A 261 -15.07 7.38 5.68
CA CYS A 261 -14.56 6.47 4.66
C CYS A 261 -15.47 5.30 4.44
N LEU A 262 -16.03 4.77 5.51
CA LEU A 262 -16.74 3.51 5.40
C LEU A 262 -18.23 3.71 5.17
N ASN A 263 -18.56 4.32 4.04
CA ASN A 263 -19.94 4.46 3.62
C ASN A 263 -20.25 3.42 2.53
N LYS A 264 -21.36 2.70 2.65
CA LYS A 264 -21.71 1.71 1.63
C LYS A 264 -21.88 2.33 0.24
N GLU A 265 -22.31 3.58 0.20
CA GLU A 265 -22.51 4.30 -1.06
C GLU A 265 -21.23 5.04 -1.42
N PRO A 266 -20.55 4.59 -2.50
CA PRO A 266 -19.21 5.13 -2.81
C PRO A 266 -19.23 6.63 -3.05
N SER A 267 -20.30 7.15 -3.63
CA SER A 267 -20.35 8.57 -3.96
C SER A 267 -20.51 9.43 -2.70
N PHE A 268 -20.84 8.82 -1.58
CA PHE A 268 -20.93 9.54 -0.30
C PHE A 268 -19.59 9.53 0.45
N ARG A 269 -18.63 8.76 -0.04
CA ARG A 269 -17.30 8.76 0.55
C ARG A 269 -16.57 10.01 0.07
N PRO A 270 -15.79 10.64 0.96
CA PRO A 270 -15.02 11.79 0.52
C PRO A 270 -13.84 11.37 -0.38
N THR A 271 -13.31 12.32 -1.14
CA THR A 271 -12.08 12.10 -1.88
C THR A 271 -10.85 12.17 -0.96
N ALA A 272 -9.71 11.71 -1.45
CA ALA A 272 -8.48 11.82 -0.65
C ALA A 272 -8.12 13.28 -0.35
N LYS A 273 -8.32 14.15 -1.34
CA LYS A 273 -8.09 15.60 -1.17
C LYS A 273 -8.89 16.14 0.00
N GLU A 274 -10.17 15.74 0.07
CA GLU A 274 -11.05 16.20 1.14
C GLU A 274 -10.65 15.65 2.51
N LEU A 275 -10.24 14.38 2.55
CA LEU A 275 -9.81 13.76 3.81
C LEU A 275 -8.53 14.39 4.36
N LEU A 276 -7.72 14.96 3.47
CA LEU A 276 -6.50 15.65 3.92
C LEU A 276 -6.84 16.90 4.73
N LYS A 277 -8.09 17.34 4.66
CA LYS A 277 -8.50 18.49 5.44
C LYS A 277 -9.38 18.10 6.63
N HIS A 278 -9.49 16.80 6.85
CA HIS A 278 -10.29 16.29 7.96
C HIS A 278 -9.67 16.68 9.30
N LYS A 279 -10.53 16.98 10.27
CA LYS A 279 -10.08 17.42 11.58
C LYS A 279 -9.09 16.44 12.22
N PHE A 280 -9.31 15.15 12.04
CA PHE A 280 -8.39 14.18 12.63
C PHE A 280 -6.98 14.35 12.11
N ILE A 281 -6.86 14.59 10.80
CA ILE A 281 -5.55 14.72 10.18
C ILE A 281 -4.90 16.03 10.63
N LEU A 282 -5.67 17.11 10.56
CA LEU A 282 -5.15 18.44 10.85
C LEU A 282 -4.76 18.57 12.31
N ARG A 283 -5.57 18.03 13.20
CA ARG A 283 -5.28 18.12 14.63
C ARG A 283 -4.10 17.26 15.08
N ASN A 284 -3.88 16.13 14.41
CA ASN A 284 -2.99 15.12 14.97
C ASN A 284 -1.74 14.76 14.17
N ALA A 285 -1.71 15.04 12.87
CA ALA A 285 -0.55 14.68 12.06
C ALA A 285 0.63 15.58 12.43
N LYS A 286 1.81 14.99 12.57
CA LYS A 286 3.04 15.74 12.86
C LYS A 286 4.13 15.40 11.85
N LYS A 287 5.35 15.87 12.08
CA LYS A 287 6.46 15.60 11.15
C LYS A 287 6.63 14.11 10.92
N THR A 288 6.80 13.69 9.66
CA THR A 288 7.08 12.29 9.36
C THR A 288 8.34 11.76 10.07
N SER A 289 9.32 12.63 10.30
CA SER A 289 10.56 12.21 10.95
C SER A 289 10.33 11.62 12.35
N TYR A 290 9.25 12.03 13.01
CA TYR A 290 8.94 11.47 14.34
C TYR A 290 8.59 9.99 14.26
N LEU A 291 8.25 9.52 13.07
CA LEU A 291 7.94 8.11 12.88
C LEU A 291 9.17 7.22 13.04
N THR A 292 10.36 7.83 13.07
CA THR A 292 11.57 7.04 13.34
C THR A 292 11.47 6.38 14.71
N GLU A 293 10.72 6.98 15.63
CA GLU A 293 10.53 6.39 16.95
C GLU A 293 9.87 5.02 16.83
N LEU A 294 9.01 4.87 15.84
CA LEU A 294 8.30 3.64 15.58
C LEU A 294 9.21 2.59 14.97
N ILE A 295 10.07 3.07 14.09
CA ILE A 295 11.06 2.22 13.46
C ILE A 295 12.04 1.72 14.52
N ASP A 296 12.49 2.60 15.41
CA ASP A 296 13.39 2.17 16.48
C ASP A 296 12.69 1.19 17.43
N ARG A 297 11.40 1.41 17.69
CA ARG A 297 10.65 0.49 18.55
C ARG A 297 10.61 -0.90 17.94
N TYR A 298 10.36 -0.97 16.64
CA TYR A 298 10.36 -2.25 15.95
C TYR A 298 11.75 -2.92 15.99
N LYS A 299 12.81 -2.16 15.74
CA LYS A 299 14.15 -2.77 15.74
C LYS A 299 14.49 -3.36 17.11
N ARG A 300 14.18 -2.64 18.17
CA ARG A 300 14.39 -3.15 19.54
C ARG A 300 13.55 -4.39 19.80
N TRP A 301 12.29 -4.34 19.41
CA TRP A 301 11.35 -5.43 19.63
C TRP A 301 11.78 -6.69 18.85
N LYS A 302 12.18 -6.51 17.60
CA LYS A 302 12.58 -7.63 16.75
C LYS A 302 13.87 -8.27 17.25
N ALA A 303 14.76 -7.44 17.79
CA ALA A 303 16.03 -7.92 18.29
C ALA A 303 15.86 -8.77 19.55
N GLU A 304 14.83 -8.48 20.35
CA GLU A 304 14.60 -9.22 21.60
C GLU A 304 13.81 -10.48 21.36
N GLN A 305 12.96 -10.45 20.33
CA GLN A 305 12.05 -11.55 20.01
C GLN A 305 12.76 -12.91 20.00
N SER A 306 12.20 -13.86 20.74
CA SER A 306 12.81 -15.17 20.89
C SER A 306 12.37 -16.11 19.76
#